data_4J5C
#
_entry.id   4J5C
#
_cell.length_a   57.306
_cell.length_b   57.306
_cell.length_c   87.528
_cell.angle_alpha   90.000
_cell.angle_beta   90.000
_cell.angle_gamma   90.000
#
_symmetry.space_group_name_H-M   'P 41 21 2'
#
loop_
_entity.id
_entity.type
_entity.pdbx_description
1 polymer 'Peptidyl-prolyl cis-trans isomerase F, mitochondrial'
2 non-polymer 1-(4-aminobenzyl)-3-[(2S)-4-(methylsulfanyl)-1-{(2R)-2-[2-(methylsulfanyl)phenyl]pyrrolidin-1-yl}-1-oxobutan-2-yl]urea
3 water water
#
_entity_poly.entity_id   1
_entity_poly.type   'polypeptide(L)'
_entity_poly.pdbx_seq_one_letter_code
;GNPLVYLDVDANGKPLGRVVLELKADVVPKTAENFRALCTGEKGFGYKGSTFHRVIPSFMCQAGDFTNHNGTGGKSIYGS
RFPDENFTLKHVGPGVLSMANAGPNTNGSQFFICTIKTDWLDGKHVVFGHVIEGMDVVKKIESFGSKSGRTSKKIVITDC
GQLS
;
_entity_poly.pdbx_strand_id   X
#
loop_
_chem_comp.id
_chem_comp.type
_chem_comp.name
_chem_comp.formula
7I6 non-polymer 1-(4-aminobenzyl)-3-[(2S)-4-(methylsulfanyl)-1-{(2R)-2-[2-(methylsulfanyl)phenyl]pyrrolidin-1-yl}-1-oxobutan-2-yl]urea 'C24 H32 N4 O2 S2'
#
# COMPACT_ATOMS: atom_id res chain seq x y z
N GLY A 1 3.83 18.37 11.10
CA GLY A 1 2.62 17.81 10.54
C GLY A 1 2.74 16.34 10.17
N ASN A 2 1.74 15.85 9.46
CA ASN A 2 1.69 14.46 9.04
C ASN A 2 2.84 14.10 8.09
N PRO A 3 3.38 12.90 8.19
CA PRO A 3 4.45 12.50 7.27
C PRO A 3 4.03 12.46 5.82
N LEU A 4 4.97 12.81 4.94
CA LEU A 4 4.88 12.54 3.50
CA LEU A 4 4.90 12.59 3.53
C LEU A 4 5.93 11.51 3.17
N VAL A 5 5.51 10.45 2.49
CA VAL A 5 6.41 9.38 2.07
C VAL A 5 6.24 9.15 0.58
N TYR A 6 7.17 8.40 -0.01
N TYR A 6 7.15 8.39 -0.01
CA TYR A 6 7.13 8.12 -1.43
CA TYR A 6 7.07 8.10 -1.43
C TYR A 6 7.39 6.64 -1.73
C TYR A 6 7.43 6.67 -1.76
N LEU A 7 6.84 6.21 -2.86
CA LEU A 7 7.15 4.94 -3.49
C LEU A 7 7.54 5.24 -4.94
N ASP A 8 8.73 4.82 -5.36
CA ASP A 8 9.13 4.83 -6.77
C ASP A 8 8.87 3.46 -7.34
N VAL A 9 8.09 3.40 -8.42
CA VAL A 9 7.57 2.12 -8.93
C VAL A 9 8.03 1.91 -10.37
N ASP A 10 8.50 0.68 -10.64
CA ASP A 10 8.86 0.21 -11.98
C ASP A 10 7.82 -0.80 -12.48
N ALA A 11 7.68 -0.93 -13.80
CA ALA A 11 6.92 -2.03 -14.41
C ALA A 11 7.85 -2.68 -15.42
N ASN A 12 8.10 -3.97 -15.24
CA ASN A 12 9.05 -4.69 -16.07
C ASN A 12 10.38 -3.92 -16.18
N GLY A 13 10.81 -3.35 -15.05
CA GLY A 13 12.10 -2.73 -14.93
C GLY A 13 12.22 -1.32 -15.44
N LYS A 14 11.12 -0.78 -15.96
CA LYS A 14 11.09 0.58 -16.46
C LYS A 14 10.37 1.48 -15.46
N PRO A 15 10.98 2.61 -15.10
CA PRO A 15 10.34 3.47 -14.09
C PRO A 15 9.03 4.08 -14.57
N LEU A 16 8.01 4.00 -13.72
CA LEU A 16 6.73 4.65 -13.97
C LEU A 16 6.65 6.04 -13.37
N GLY A 17 7.46 6.30 -12.35
CA GLY A 17 7.38 7.53 -11.60
C GLY A 17 7.18 7.26 -10.11
N ARG A 18 6.73 8.31 -9.43
CA ARG A 18 6.67 8.35 -7.97
C ARG A 18 5.24 8.56 -7.49
N VAL A 19 4.86 7.78 -6.47
CA VAL A 19 3.62 8.01 -5.75
C VAL A 19 3.97 8.62 -4.40
N VAL A 20 3.41 9.80 -4.11
CA VAL A 20 3.64 10.46 -2.84
C VAL A 20 2.37 10.31 -2.01
N LEU A 21 2.54 9.91 -0.76
CA LEU A 21 1.44 9.58 0.16
C LEU A 21 1.55 10.45 1.41
N GLU A 22 0.42 11.03 1.84
CA GLU A 22 0.30 11.64 3.16
C GLU A 22 -0.22 10.57 4.11
N LEU A 23 0.45 10.42 5.24
CA LEU A 23 0.05 9.48 6.28
C LEU A 23 -0.64 10.25 7.40
N LYS A 24 -1.88 9.87 7.71
CA LYS A 24 -2.71 10.63 8.63
C LYS A 24 -2.43 10.24 10.07
N ALA A 25 -1.23 10.58 10.52
CA ALA A 25 -0.77 10.27 11.86
C ALA A 25 -1.58 10.98 12.93
N ASP A 26 -2.23 12.09 12.58
CA ASP A 26 -3.12 12.79 13.50
C ASP A 26 -4.32 11.95 13.89
N VAL A 27 -4.73 11.03 13.02
CA VAL A 27 -5.90 10.17 13.24
C VAL A 27 -5.52 8.74 13.64
N VAL A 28 -4.50 8.20 12.97
CA VAL A 28 -4.07 6.81 13.14
C VAL A 28 -2.54 6.80 13.32
N PRO A 29 -2.05 7.28 14.47
CA PRO A 29 -0.60 7.41 14.62
C PRO A 29 0.15 6.09 14.54
N LYS A 30 -0.40 5.01 15.09
CA LYS A 30 0.34 3.75 15.11
C LYS A 30 0.44 3.15 13.70
N THR A 31 -0.64 3.27 12.96
CA THR A 31 -0.70 2.72 11.62
C THR A 31 0.18 3.56 10.68
N ALA A 32 0.11 4.87 10.82
CA ALA A 32 0.98 5.77 10.05
C ALA A 32 2.46 5.50 10.35
N GLU A 33 2.81 5.32 11.61
CA GLU A 33 4.21 5.14 11.97
C GLU A 33 4.75 3.84 11.38
N ASN A 34 3.96 2.77 11.42
CA ASN A 34 4.37 1.53 10.79
C ASN A 34 4.72 1.75 9.33
N PHE A 35 3.81 2.35 8.58
CA PHE A 35 4.04 2.53 7.16
C PHE A 35 5.27 3.42 6.90
N ARG A 36 5.37 4.51 7.66
CA ARG A 36 6.49 5.43 7.52
C ARG A 36 7.82 4.68 7.68
N ALA A 37 7.95 3.92 8.75
CA ALA A 37 9.19 3.20 9.02
C ALA A 37 9.46 2.10 7.99
N LEU A 38 8.43 1.47 7.46
CA LEU A 38 8.64 0.47 6.41
C LEU A 38 9.08 1.13 5.10
N CYS A 39 8.68 2.39 4.86
CA CYS A 39 9.19 3.13 3.71
C CYS A 39 10.67 3.50 3.90
N THR A 40 11.07 3.97 5.09
CA THR A 40 12.46 4.36 5.25
C THR A 40 13.37 3.13 5.35
N GLY A 41 12.84 1.99 5.78
CA GLY A 41 13.65 0.82 6.04
C GLY A 41 14.46 0.88 7.31
N GLU A 42 14.18 1.84 8.18
CA GLU A 42 15.04 2.12 9.32
C GLU A 42 15.12 0.99 10.36
N LYS A 43 14.17 0.05 10.36
CA LYS A 43 14.23 -1.09 11.27
CA LYS A 43 14.21 -1.09 11.26
C LYS A 43 14.99 -2.26 10.66
N GLY A 44 15.46 -2.12 9.43
CA GLY A 44 16.22 -3.18 8.78
C GLY A 44 15.41 -4.01 7.79
N PHE A 45 14.16 -3.65 7.56
CA PHE A 45 13.29 -4.32 6.62
C PHE A 45 12.23 -3.32 6.18
N GLY A 46 11.52 -3.63 5.11
CA GLY A 46 10.53 -2.73 4.60
C GLY A 46 10.21 -2.95 3.14
N TYR A 47 9.58 -1.94 2.55
CA TYR A 47 8.98 -2.11 1.24
C TYR A 47 9.95 -2.11 0.07
N LYS A 48 11.17 -1.60 0.26
CA LYS A 48 12.08 -1.51 -0.88
C LYS A 48 12.27 -2.89 -1.52
N GLY A 49 12.07 -2.96 -2.83
CA GLY A 49 12.27 -4.18 -3.59
C GLY A 49 11.06 -5.07 -3.69
N SER A 50 9.99 -4.76 -2.97
CA SER A 50 8.80 -5.60 -3.00
C SER A 50 7.82 -5.19 -4.11
N THR A 51 6.73 -5.94 -4.28
CA THR A 51 5.90 -5.83 -5.47
C THR A 51 4.46 -5.43 -5.18
N PHE A 52 3.77 -4.93 -6.20
CA PHE A 52 2.31 -4.89 -6.22
C PHE A 52 1.86 -6.25 -6.76
N HIS A 53 1.35 -7.12 -5.87
CA HIS A 53 1.05 -8.51 -6.23
C HIS A 53 -0.39 -8.75 -6.65
N ARG A 54 -1.32 -7.86 -6.30
CA ARG A 54 -2.73 -8.01 -6.65
CA ARG A 54 -2.71 -8.00 -6.67
C ARG A 54 -3.23 -6.64 -7.13
N VAL A 55 -3.65 -6.56 -8.39
CA VAL A 55 -4.13 -5.31 -8.96
C VAL A 55 -5.40 -5.60 -9.73
N ILE A 56 -6.50 -4.95 -9.34
CA ILE A 56 -7.80 -5.21 -9.93
C ILE A 56 -8.35 -3.89 -10.47
N PRO A 57 -8.47 -3.78 -11.81
CA PRO A 57 -8.98 -2.54 -12.39
C PRO A 57 -10.35 -2.17 -11.83
N SER A 58 -10.54 -0.87 -11.62
CA SER A 58 -11.77 -0.31 -11.06
C SER A 58 -11.99 -0.78 -9.62
N PHE A 59 -10.90 -1.09 -8.93
CA PHE A 59 -10.96 -1.46 -7.51
C PHE A 59 -9.74 -0.88 -6.76
N MET A 60 -8.59 -1.55 -6.85
CA MET A 60 -7.43 -1.14 -6.06
C MET A 60 -6.16 -1.82 -6.54
N CYS A 61 -5.03 -1.29 -6.07
CA CYS A 61 -3.71 -1.86 -6.27
C CYS A 61 -3.11 -2.22 -4.90
N GLN A 62 -2.70 -3.48 -4.72
CA GLN A 62 -2.26 -4.00 -3.42
C GLN A 62 -0.80 -4.41 -3.46
N ALA A 63 -0.07 -4.10 -2.39
CA ALA A 63 1.36 -4.32 -2.29
C ALA A 63 1.76 -4.61 -0.86
N GLY A 64 3.05 -4.74 -0.61
CA GLY A 64 3.59 -4.71 0.73
C GLY A 64 3.96 -6.04 1.35
N ASP A 65 3.88 -7.15 0.61
N ASP A 65 3.79 -7.14 0.62
CA ASP A 65 4.35 -8.42 1.15
CA ASP A 65 4.18 -8.45 1.13
C ASP A 65 5.84 -8.61 0.83
C ASP A 65 5.66 -8.63 0.83
N PHE A 66 6.69 -8.25 1.78
N PHE A 66 6.50 -8.00 1.65
CA PHE A 66 8.14 -8.31 1.61
CA PHE A 66 7.94 -8.01 1.40
C PHE A 66 8.78 -9.47 2.37
C PHE A 66 8.60 -9.28 1.90
N THR A 67 7.96 -10.34 2.95
N THR A 67 7.84 -10.22 2.45
CA THR A 67 8.52 -11.51 3.62
CA THR A 67 8.42 -11.50 2.86
C THR A 67 8.31 -12.78 2.79
C THR A 67 8.08 -12.65 1.90
N ASN A 68 7.14 -12.96 2.21
N ASN A 68 6.83 -12.74 1.44
CA ASN A 68 6.85 -14.15 1.39
CA ASN A 68 6.38 -13.84 0.57
C ASN A 68 6.73 -13.84 -0.09
C ASN A 68 6.00 -13.39 -0.86
N HIS A 69 6.57 -12.57 -0.43
N HIS A 69 5.85 -12.09 -1.06
CA HIS A 69 6.50 -12.10 -1.81
CA HIS A 69 5.60 -11.52 -2.39
C HIS A 69 5.41 -12.79 -2.62
C HIS A 69 4.35 -12.06 -3.07
N ASN A 70 4.30 -13.12 -1.97
N ASN A 70 3.36 -12.48 -2.29
CA ASN A 70 3.18 -13.73 -2.67
CA ASN A 70 2.17 -13.10 -2.87
C ASN A 70 1.76 -13.35 -2.22
C ASN A 70 0.85 -12.86 -2.14
N GLY A 71 1.61 -12.48 -1.22
N GLY A 71 0.87 -12.03 -1.11
CA GLY A 71 0.28 -12.07 -0.77
CA GLY A 71 -0.32 -11.73 -0.36
C GLY A 71 -0.26 -12.63 0.56
C GLY A 71 -0.41 -12.59 0.89
N THR A 72 0.55 -13.50 1.15
CA THR A 72 0.33 -14.22 2.39
C THR A 72 1.14 -13.65 3.54
N GLY A 73 2.13 -12.80 3.27
CA GLY A 73 3.09 -12.41 4.29
C GLY A 73 3.15 -10.92 4.60
N GLY A 74 4.34 -10.50 4.99
CA GLY A 74 4.57 -9.17 5.54
C GLY A 74 4.64 -9.21 7.06
N LYS A 75 5.15 -8.13 7.65
CA LYS A 75 5.22 -7.98 9.10
C LYS A 75 5.29 -6.50 9.40
N SER A 76 4.84 -6.13 10.59
CA SER A 76 4.88 -4.74 11.03
C SER A 76 6.16 -4.46 11.81
N ILE A 77 6.37 -3.19 12.10
CA ILE A 77 7.47 -2.80 12.95
C ILE A 77 7.26 -3.19 14.42
N TYR A 78 6.04 -3.58 14.78
CA TYR A 78 5.70 -3.91 16.16
C TYR A 78 5.81 -5.40 16.47
N GLY A 79 5.79 -6.22 15.43
CA GLY A 79 5.58 -7.66 15.54
C GLY A 79 4.89 -8.13 14.28
N SER A 80 4.44 -9.38 14.26
N SER A 80 4.47 -9.39 14.26
N SER A 80 4.47 -9.39 14.26
CA SER A 80 3.92 -9.89 13.00
CA SER A 80 3.89 -9.92 13.04
CA SER A 80 3.88 -9.94 13.06
C SER A 80 2.59 -9.26 12.57
C SER A 80 2.67 -9.12 12.61
C SER A 80 2.65 -9.15 12.61
N ARG A 81 1.75 -8.91 13.55
CA ARG A 81 0.47 -8.27 13.28
C ARG A 81 0.17 -7.28 14.38
N PHE A 82 -0.71 -6.32 14.08
CA PHE A 82 -1.14 -5.35 15.09
C PHE A 82 -2.61 -5.00 14.91
N PRO A 83 -3.23 -4.49 15.97
CA PRO A 83 -4.68 -4.27 15.95
C PRO A 83 -5.15 -3.20 14.98
N ASP A 84 -6.44 -3.27 14.64
CA ASP A 84 -7.13 -2.18 13.94
C ASP A 84 -7.20 -0.97 14.86
N GLU A 85 -6.55 0.12 14.45
CA GLU A 85 -6.41 1.27 15.32
C GLU A 85 -7.74 1.99 15.52
N ASN A 86 -8.41 2.31 14.41
CA ASN A 86 -9.77 2.83 14.40
C ASN A 86 -10.25 2.77 12.95
N PHE A 87 -11.53 3.05 12.75
CA PHE A 87 -12.13 3.09 11.41
C PHE A 87 -12.66 4.51 11.14
N THR A 88 -11.98 5.52 11.67
CA THR A 88 -12.49 6.88 11.57
C THR A 88 -12.47 7.42 10.14
N LEU A 89 -11.38 7.20 9.41
CA LEU A 89 -11.27 7.61 8.01
C LEU A 89 -12.00 6.59 7.13
N LYS A 90 -12.63 7.09 6.07
CA LYS A 90 -13.43 6.25 5.20
CA LYS A 90 -13.46 6.28 5.18
C LYS A 90 -12.80 6.10 3.82
N HIS A 91 -13.24 5.08 3.10
CA HIS A 91 -12.77 4.79 1.75
C HIS A 91 -13.60 5.65 0.78
N VAL A 92 -13.20 6.91 0.68
CA VAL A 92 -14.05 7.93 0.06
C VAL A 92 -13.92 8.03 -1.45
N GLY A 93 -12.85 7.48 -2.04
CA GLY A 93 -12.62 7.66 -3.47
C GLY A 93 -11.25 7.18 -3.90
N PRO A 94 -10.92 7.43 -5.17
CA PRO A 94 -9.58 7.08 -5.66
C PRO A 94 -8.51 7.78 -4.84
N GLY A 95 -7.41 7.08 -4.62
CA GLY A 95 -6.26 7.62 -3.92
C GLY A 95 -6.20 7.30 -2.44
N VAL A 96 -7.26 6.71 -1.88
CA VAL A 96 -7.23 6.30 -0.48
C VAL A 96 -6.19 5.20 -0.27
N LEU A 97 -5.44 5.32 0.82
CA LEU A 97 -4.42 4.36 1.27
C LEU A 97 -4.94 3.65 2.51
N SER A 98 -4.99 2.32 2.45
CA SER A 98 -5.65 1.53 3.48
C SER A 98 -4.88 0.22 3.71
N MET A 99 -5.06 -0.35 4.91
CA MET A 99 -4.38 -1.59 5.27
CA MET A 99 -4.36 -1.59 5.25
C MET A 99 -5.11 -2.83 4.77
N ALA A 100 -4.40 -3.72 4.09
CA ALA A 100 -4.93 -5.04 3.79
C ALA A 100 -4.96 -5.85 5.10
N ASN A 101 -5.77 -6.91 5.13
CA ASN A 101 -5.79 -7.74 6.33
C ASN A 101 -6.39 -9.11 6.01
N ALA A 102 -6.34 -9.98 7.00
CA ALA A 102 -6.89 -11.33 6.93
C ALA A 102 -8.00 -11.47 7.97
N GLY A 103 -8.74 -10.41 8.21
CA GLY A 103 -9.78 -10.35 9.22
C GLY A 103 -9.44 -9.33 10.28
N PRO A 104 -10.29 -9.20 11.31
CA PRO A 104 -10.04 -8.20 12.34
C PRO A 104 -8.66 -8.35 12.99
N ASN A 105 -8.02 -7.20 13.22
CA ASN A 105 -6.78 -7.13 13.98
C ASN A 105 -5.66 -7.99 13.41
N THR A 106 -5.46 -7.91 12.09
CA THR A 106 -4.39 -8.64 11.41
C THR A 106 -3.60 -7.74 10.45
N ASN A 107 -3.43 -6.48 10.82
CA ASN A 107 -2.57 -5.57 10.05
C ASN A 107 -1.12 -6.02 10.15
N GLY A 108 -0.40 -5.95 9.05
CA GLY A 108 1.02 -6.27 9.05
C GLY A 108 1.77 -5.20 8.29
N SER A 109 2.09 -5.51 7.04
CA SER A 109 2.67 -4.54 6.13
C SER A 109 1.87 -4.36 4.84
N GLN A 110 1.03 -5.32 4.45
CA GLN A 110 0.34 -5.18 3.19
C GLN A 110 -0.66 -4.02 3.23
N PHE A 111 -0.77 -3.35 2.09
CA PHE A 111 -1.59 -2.14 1.96
C PHE A 111 -2.17 -2.09 0.56
N PHE A 112 -3.12 -1.18 0.35
CA PHE A 112 -3.65 -0.97 -0.98
C PHE A 112 -3.97 0.50 -1.19
N ILE A 113 -3.97 0.87 -2.46
CA ILE A 113 -4.37 2.19 -2.91
C ILE A 113 -5.62 2.02 -3.78
N CYS A 114 -6.70 2.67 -3.38
CA CYS A 114 -7.98 2.56 -4.08
CA CYS A 114 -7.95 2.52 -4.10
C CYS A 114 -7.93 3.32 -5.40
N THR A 115 -8.65 2.81 -6.40
CA THR A 115 -8.84 3.54 -7.65
C THR A 115 -10.30 3.94 -7.89
N ILE A 116 -11.13 3.69 -6.88
CA ILE A 116 -12.55 4.05 -6.86
CA ILE A 116 -12.54 4.06 -6.88
C ILE A 116 -12.94 4.17 -5.39
N LYS A 117 -14.11 4.72 -5.11
CA LYS A 117 -14.71 4.67 -3.78
CA LYS A 117 -14.70 4.66 -3.78
C LYS A 117 -15.03 3.21 -3.44
N THR A 118 -14.49 2.71 -2.32
CA THR A 118 -14.70 1.33 -1.91
C THR A 118 -15.39 1.29 -0.55
N ASP A 119 -16.63 1.77 -0.52
CA ASP A 119 -17.33 1.99 0.75
CA ASP A 119 -17.34 1.99 0.75
C ASP A 119 -17.59 0.72 1.55
N TRP A 120 -17.66 -0.42 0.86
CA TRP A 120 -17.92 -1.68 1.54
C TRP A 120 -16.76 -2.11 2.41
N LEU A 121 -15.61 -1.45 2.28
CA LEU A 121 -14.47 -1.75 3.13
C LEU A 121 -14.47 -0.91 4.41
N ASP A 122 -15.34 0.08 4.51
CA ASP A 122 -15.42 0.91 5.70
C ASP A 122 -15.75 0.02 6.89
N GLY A 123 -15.02 0.20 7.98
CA GLY A 123 -15.22 -0.59 9.18
C GLY A 123 -14.54 -1.94 9.17
N LYS A 124 -13.88 -2.28 8.05
CA LYS A 124 -13.18 -3.55 7.89
C LYS A 124 -11.67 -3.35 7.67
N HIS A 125 -11.31 -2.30 6.93
CA HIS A 125 -9.91 -1.99 6.65
C HIS A 125 -9.61 -0.61 7.19
N VAL A 126 -8.46 -0.47 7.84
CA VAL A 126 -8.05 0.82 8.42
C VAL A 126 -7.44 1.72 7.34
N VAL A 127 -8.14 2.82 7.08
CA VAL A 127 -7.64 3.87 6.19
C VAL A 127 -6.66 4.73 6.97
N PHE A 128 -5.53 5.05 6.33
CA PHE A 128 -4.48 5.78 7.04
C PHE A 128 -3.77 6.83 6.19
N GLY A 129 -4.22 7.11 4.97
CA GLY A 129 -3.57 8.13 4.19
C GLY A 129 -4.21 8.29 2.84
N HIS A 130 -3.54 9.06 1.98
CA HIS A 130 -4.04 9.31 0.64
C HIS A 130 -2.90 9.74 -0.27
N VAL A 131 -3.13 9.56 -1.56
CA VAL A 131 -2.19 9.99 -2.59
C VAL A 131 -2.21 11.52 -2.73
N ILE A 132 -1.04 12.13 -2.57
CA ILE A 132 -0.80 13.57 -2.74
C ILE A 132 -0.43 13.90 -4.19
N GLU A 133 0.40 13.05 -4.78
CA GLU A 133 0.96 13.21 -6.10
CA GLU A 133 0.77 13.18 -6.17
C GLU A 133 1.13 11.81 -6.69
N GLY A 134 0.96 11.68 -8.01
CA GLY A 134 1.25 10.42 -8.66
C GLY A 134 0.04 9.54 -8.91
N MET A 135 -1.17 10.09 -8.91
CA MET A 135 -2.31 9.27 -9.32
CA MET A 135 -2.30 9.26 -9.32
C MET A 135 -2.11 8.73 -10.74
N ASP A 136 -1.41 9.46 -11.61
CA ASP A 136 -1.12 8.94 -12.95
C ASP A 136 -0.34 7.64 -12.88
N VAL A 137 0.60 7.55 -11.93
CA VAL A 137 1.37 6.32 -11.74
C VAL A 137 0.46 5.21 -11.23
N VAL A 138 -0.43 5.53 -10.28
CA VAL A 138 -1.39 4.54 -9.79
C VAL A 138 -2.28 4.04 -10.94
N LYS A 139 -2.74 4.93 -11.84
CA LYS A 139 -3.58 4.50 -12.95
CA LYS A 139 -3.57 4.53 -12.97
C LYS A 139 -2.79 3.61 -13.91
N LYS A 140 -1.49 3.86 -14.09
CA LYS A 140 -0.68 2.95 -14.89
CA LYS A 140 -0.65 2.97 -14.86
C LYS A 140 -0.62 1.60 -14.23
N ILE A 141 -0.34 1.55 -12.93
CA ILE A 141 -0.29 0.27 -12.23
C ILE A 141 -1.63 -0.46 -12.42
N GLU A 142 -2.73 0.24 -12.19
CA GLU A 142 -4.06 -0.32 -12.33
C GLU A 142 -4.27 -0.98 -13.69
N SER A 143 -3.77 -0.34 -14.73
CA SER A 143 -3.95 -0.80 -16.10
C SER A 143 -3.21 -2.12 -16.37
N PHE A 144 -2.29 -2.50 -15.48
CA PHE A 144 -1.56 -3.75 -15.61
C PHE A 144 -2.19 -4.85 -14.75
N GLY A 145 -3.36 -4.61 -14.18
CA GLY A 145 -4.06 -5.64 -13.44
C GLY A 145 -5.07 -6.42 -14.27
N SER A 146 -5.88 -7.19 -13.59
CA SER A 146 -6.89 -8.01 -14.21
C SER A 146 -7.99 -8.33 -13.20
N LYS A 147 -9.10 -8.89 -13.67
CA LYS A 147 -10.21 -9.21 -12.77
C LYS A 147 -9.77 -10.17 -11.67
N SER A 148 -8.87 -11.09 -12.00
CA SER A 148 -8.40 -12.05 -11.01
C SER A 148 -7.39 -11.44 -10.04
N GLY A 149 -6.88 -10.26 -10.38
CA GLY A 149 -5.83 -9.63 -9.59
C GLY A 149 -4.42 -9.90 -10.08
N ARG A 150 -4.24 -10.91 -10.92
CA ARG A 150 -2.92 -11.18 -11.48
CA ARG A 150 -2.92 -11.19 -11.47
C ARG A 150 -2.44 -10.02 -12.33
N THR A 151 -1.19 -9.64 -12.14
CA THR A 151 -0.59 -8.55 -12.89
C THR A 151 0.01 -9.05 -14.21
N SER A 152 -0.05 -8.22 -15.24
CA SER A 152 0.46 -8.56 -16.56
C SER A 152 1.87 -8.02 -16.79
N LYS A 153 2.37 -7.23 -15.84
CA LYS A 153 3.75 -6.79 -15.78
C LYS A 153 4.23 -6.96 -14.34
N LYS A 154 5.54 -7.06 -14.14
CA LYS A 154 6.14 -7.15 -12.82
CA LYS A 154 6.09 -7.14 -12.79
C LYS A 154 6.26 -5.74 -12.24
N ILE A 155 5.48 -5.43 -11.21
CA ILE A 155 5.38 -4.08 -10.66
CA ILE A 155 5.40 -4.09 -10.67
C ILE A 155 6.14 -4.04 -9.34
N VAL A 156 7.24 -3.29 -9.29
CA VAL A 156 8.17 -3.31 -8.16
C VAL A 156 8.36 -1.91 -7.57
N ILE A 157 8.31 -1.84 -6.24
CA ILE A 157 8.70 -0.64 -5.50
C ILE A 157 10.22 -0.65 -5.44
N THR A 158 10.85 0.09 -6.35
CA THR A 158 12.30 0.05 -6.46
CA THR A 158 12.30 0.07 -6.47
C THR A 158 12.99 0.85 -5.34
N ASP A 159 12.33 1.90 -4.88
CA ASP A 159 12.85 2.78 -3.84
C ASP A 159 11.65 3.35 -3.10
N CYS A 160 11.89 3.75 -1.85
CA CYS A 160 10.84 4.37 -1.04
C CYS A 160 11.50 5.08 0.10
N GLY A 161 10.76 5.97 0.74
CA GLY A 161 11.35 6.76 1.79
C GLY A 161 10.43 7.84 2.29
N GLN A 162 10.99 8.71 3.12
CA GLN A 162 10.26 9.81 3.73
C GLN A 162 10.74 11.13 3.18
N LEU A 163 9.78 11.98 2.79
CA LEU A 163 10.05 13.32 2.30
C LEU A 163 9.98 14.39 3.39
N SER A 164 9.07 14.23 4.36
CA SER A 164 8.92 15.16 5.49
C SER A 164 8.09 14.53 6.58
CAB 7I6 B . -10.44 -9.67 -4.26
CAB 7I6 B . -10.44 -9.67 -4.26
SAW 7I6 B . -9.40 -8.80 -3.18
SAW 7I6 B . -9.40 -8.80 -3.18
CBB 7I6 B . -10.44 -8.12 -1.96
CBB 7I6 B . -10.44 -8.12 -1.96
CAH 7I6 B . -11.81 -8.30 -1.99
CAH 7I6 B . -11.81 -8.30 -1.99
CAF 7I6 B . -12.57 -7.77 -0.99
CAF 7I6 B . -12.57 -7.77 -0.99
CAG 7I6 B . -12.00 -7.08 0.04
CAG 7I6 B . -12.00 -7.08 0.04
CAI 7I6 B . -10.67 -6.93 0.08
CAI 7I6 B . -10.67 -6.93 0.08
CBC 7I6 B . -9.84 -7.44 -0.90
CBC 7I6 B . -9.83 -7.44 -0.90
CBE 7I6 B . -8.41 -7.22 -0.86
CBE 7I6 B . -8.40 -7.22 -0.86
CAQ 7I6 B . -7.98 -5.99 -1.70
CAQ 7I6 B . -7.98 -5.99 -1.70
CAN 7I6 B . -8.16 -4.79 -0.78
CAN 7I6 B . -8.16 -4.79 -0.78
CAS 7I6 B . -7.57 -5.35 0.55
CAS 7I6 B . -7.58 -5.34 0.56
NBF 7I6 B . -7.84 -6.79 0.49
NBF 7I6 B . -7.84 -6.79 0.49
C 7I6 B . -7.44 -7.58 1.49
C 7I6 B . -7.43 -7.58 1.49
O 7I6 B . -6.91 -7.12 2.48
O 7I6 B . -6.90 -7.12 2.48
CA 7I6 B . -7.74 -9.08 1.36
CA 7I6 B . -7.66 -9.10 1.39
CB 7I6 B . -9.06 -9.32 2.11
CB 7I6 B . -8.99 -9.31 2.14
CG 7I6 B . -9.18 -10.83 2.25
CG 7I6 B . -9.10 -10.78 2.38
SD 7I6 B . -10.85 -11.39 1.96
SD 7I6 B . -10.29 -11.31 1.26
CE 7I6 B . -11.27 -10.53 3.33
CE 7I6 B . -9.97 -11.15 -0.46
N 7I6 B . -6.76 -9.80 2.07
N 7I6 B . -6.55 -9.85 2.05
CAX 7I6 B . -5.66 -10.15 1.69
CAX 7I6 B . -5.39 -10.20 1.42
OAD 7I6 B . -5.23 -9.98 0.58
OAD 7I6 B . -5.25 -9.92 0.33
NAT 7I6 B . -5.15 -10.80 2.77
NAT 7I6 B . -4.29 -10.86 1.87
CAP 7I6 B . -3.95 -11.41 3.01
CAP 7I6 B . -4.08 -11.44 3.12
CBA 7I6 B . -3.25 -10.76 4.10
CBA 7I6 B . -3.28 -10.76 4.12
CAL 7I6 B . -3.28 -9.39 4.28
CAL 7I6 B . -3.30 -9.39 4.30
CAJ 7I6 B . -2.56 -8.82 5.29
CAJ 7I6 B . -2.56 -8.82 5.29
CAZ 7I6 B . -1.83 -9.56 6.17
CAZ 7I6 B . -1.82 -9.56 6.17
NAC 7I6 B . -1.14 -8.96 7.17
NAC 7I6 B . -1.12 -8.96 7.16
CAK 7I6 B . -1.78 -10.95 5.99
CAK 7I6 B . -1.78 -10.95 5.99
CAM 7I6 B . -2.46 -11.50 4.93
CAM 7I6 B . -2.49 -11.50 4.95
#